data_6MJV
#
_entry.id   6MJV
#
_entity_poly.entity_id   1
_entity_poly.type   'polypeptide(L)'
_entity_poly.pdbx_seq_one_letter_code
;KKCWNGGRCRKKCKENEKPIGYCRNGKKCCVN
;
_entity_poly.pdbx_strand_id   A
#
# COMPACT_ATOMS: atom_id res chain seq x y z
N LYS A 1 -2.78 -11.10 2.13
CA LYS A 1 -1.79 -10.04 1.79
C LYS A 1 -2.46 -8.68 1.93
N LYS A 2 -3.37 -8.58 2.89
CA LYS A 2 -4.09 -7.33 3.12
C LYS A 2 -3.15 -6.30 3.75
N CYS A 3 -3.47 -5.03 3.55
CA CYS A 3 -2.62 -3.96 4.08
C CYS A 3 -3.03 -3.61 5.51
N TRP A 4 -2.36 -2.58 6.03
CA TRP A 4 -2.38 -2.27 7.45
C TRP A 4 -2.93 -0.86 7.63
N ASN A 5 -3.22 -0.48 8.87
CA ASN A 5 -3.71 0.86 9.16
C ASN A 5 -4.70 1.34 8.10
N GLY A 6 -5.45 0.39 7.56
CA GLY A 6 -6.52 0.70 6.62
C GLY A 6 -5.97 1.14 5.26
N GLY A 7 -4.67 1.00 5.07
CA GLY A 7 -4.04 1.32 3.79
C GLY A 7 -4.58 0.44 2.66
N ARG A 8 -3.96 0.53 1.49
CA ARG A 8 -4.30 -0.33 0.36
C ARG A 8 -3.04 -0.84 -0.35
N CYS A 9 -3.23 -1.66 -1.38
CA CYS A 9 -2.13 -2.10 -2.23
C CYS A 9 -2.23 -1.42 -3.60
N ARG A 10 -1.14 -0.76 -4.00
CA ARG A 10 -1.02 -0.20 -5.34
C ARG A 10 0.45 0.09 -5.65
N LYS A 11 0.81 0.14 -6.93
CA LYS A 11 2.14 0.55 -7.32
C LYS A 11 2.42 1.97 -6.81
N LYS A 12 1.36 2.67 -6.42
CA LYS A 12 1.48 4.00 -5.87
C LYS A 12 0.69 4.07 -4.56
N CYS A 13 0.81 5.18 -3.85
CA CYS A 13 0.13 5.35 -2.57
C CYS A 13 -1.05 6.30 -2.70
N LYS A 14 -2.22 5.82 -2.30
CA LYS A 14 -3.43 6.62 -2.39
C LYS A 14 -3.18 8.05 -1.94
N GLU A 15 -4.13 8.94 -2.24
CA GLU A 15 -3.97 10.35 -1.91
C GLU A 15 -3.26 10.54 -0.58
N ASN A 16 -2.04 11.04 -0.65
CA ASN A 16 -1.27 11.37 0.55
C ASN A 16 -1.08 10.15 1.43
N GLU A 17 -0.53 9.08 0.85
CA GLU A 17 -0.33 7.84 1.58
C GLU A 17 1.13 7.38 1.51
N LYS A 18 1.59 6.79 2.61
CA LYS A 18 3.02 6.48 2.76
C LYS A 18 3.29 5.07 2.24
N PRO A 19 4.28 4.84 1.41
CA PRO A 19 4.59 3.46 0.94
C PRO A 19 4.98 2.53 2.10
N ILE A 20 4.32 1.39 2.21
CA ILE A 20 4.81 0.34 3.10
C ILE A 20 4.55 -1.07 2.57
N GLY A 21 4.88 -2.03 3.42
CA GLY A 21 4.59 -3.44 3.17
C GLY A 21 4.73 -3.81 1.70
N TYR A 22 4.39 -5.06 1.39
CA TYR A 22 4.64 -5.60 0.05
C TYR A 22 3.38 -6.28 -0.48
N CYS A 23 3.28 -6.38 -1.80
CA CYS A 23 2.06 -6.83 -2.46
C CYS A 23 2.43 -7.37 -3.84
N ARG A 24 1.42 -7.74 -4.61
CA ARG A 24 1.62 -8.47 -5.86
C ARG A 24 2.11 -7.54 -6.97
N ASN A 25 2.66 -8.17 -8.01
CA ASN A 25 3.12 -7.47 -9.20
C ASN A 25 3.61 -6.06 -8.89
N GLY A 26 4.56 -5.95 -7.97
CA GLY A 26 5.20 -4.67 -7.68
C GLY A 26 4.43 -3.88 -6.63
N LYS A 27 3.12 -4.11 -6.53
CA LYS A 27 2.29 -3.25 -5.69
C LYS A 27 2.57 -3.53 -4.22
N LYS A 28 2.63 -2.45 -3.45
CA LYS A 28 3.05 -2.50 -2.05
C LYS A 28 1.87 -2.03 -1.19
N CYS A 29 1.97 -2.19 0.13
CA CYS A 29 0.94 -1.62 0.98
C CYS A 29 1.38 -0.22 1.36
N CYS A 30 0.70 0.75 0.78
CA CYS A 30 0.85 2.12 1.25
C CYS A 30 -0.09 2.35 2.43
N VAL A 31 0.49 2.55 3.61
CA VAL A 31 -0.30 2.86 4.78
C VAL A 31 -0.49 4.37 4.84
N ASN A 32 -1.77 4.75 4.83
CA ASN A 32 -2.14 6.16 4.80
C ASN A 32 -1.41 6.92 5.91
N LYS A 1 -1.91 -11.41 1.96
CA LYS A 1 -1.20 -10.27 2.61
C LYS A 1 -2.09 -9.04 2.55
N LYS A 2 -2.69 -8.70 3.70
CA LYS A 2 -3.55 -7.53 3.79
C LYS A 2 -2.76 -6.32 4.28
N CYS A 3 -3.16 -5.13 3.85
CA CYS A 3 -2.50 -3.92 4.29
C CYS A 3 -2.98 -3.52 5.68
N TRP A 4 -2.52 -2.35 6.10
CA TRP A 4 -2.62 -1.92 7.50
C TRP A 4 -3.24 -0.53 7.54
N ASN A 5 -3.71 -0.11 8.71
CA ASN A 5 -4.27 1.23 8.86
C ASN A 5 -5.23 1.55 7.72
N GLY A 6 -5.92 0.54 7.22
CA GLY A 6 -6.91 0.75 6.17
C GLY A 6 -6.23 1.10 4.85
N GLY A 7 -4.90 1.13 4.86
CA GLY A 7 -4.15 1.38 3.64
C GLY A 7 -4.51 0.34 2.58
N ARG A 8 -4.05 0.57 1.34
CA ARG A 8 -4.37 -0.34 0.24
C ARG A 8 -3.09 -0.78 -0.47
N CYS A 9 -3.25 -1.65 -1.46
CA CYS A 9 -2.12 -2.07 -2.30
C CYS A 9 -2.25 -1.43 -3.68
N ARG A 10 -1.20 -0.73 -4.10
CA ARG A 10 -1.10 -0.23 -5.46
C ARG A 10 0.34 0.08 -5.83
N LYS A 11 0.59 0.26 -7.11
CA LYS A 11 1.90 0.68 -7.60
C LYS A 11 2.27 2.04 -7.01
N LYS A 12 1.24 2.72 -6.51
CA LYS A 12 1.39 4.06 -5.94
C LYS A 12 0.63 4.11 -4.62
N CYS A 13 0.80 5.20 -3.87
CA CYS A 13 0.16 5.33 -2.57
C CYS A 13 -1.00 6.33 -2.64
N LYS A 14 -2.16 5.85 -2.23
CA LYS A 14 -3.38 6.67 -2.27
C LYS A 14 -3.08 8.09 -1.80
N GLU A 15 -4.02 8.98 -2.05
CA GLU A 15 -3.88 10.38 -1.66
C GLU A 15 -3.16 10.52 -0.32
N ASN A 16 -1.95 11.07 -0.37
CA ASN A 16 -1.18 11.33 0.84
C ASN A 16 -0.96 10.05 1.63
N GLU A 17 -0.42 9.03 0.99
CA GLU A 17 -0.15 7.75 1.64
C GLU A 17 1.30 7.32 1.46
N LYS A 18 1.86 6.71 2.50
CA LYS A 18 3.27 6.33 2.51
C LYS A 18 3.43 4.88 2.08
N PRO A 19 4.36 4.56 1.20
CA PRO A 19 4.56 3.15 0.79
C PRO A 19 4.88 2.28 2.00
N ILE A 20 4.16 1.16 2.12
CA ILE A 20 4.49 0.16 3.14
C ILE A 20 4.26 -1.26 2.63
N GLY A 21 4.50 -2.23 3.51
CA GLY A 21 4.27 -3.63 3.21
C GLY A 21 4.57 -3.97 1.75
N TYR A 22 4.23 -5.19 1.35
CA TYR A 22 4.57 -5.68 0.01
C TYR A 22 3.39 -6.44 -0.58
N CYS A 23 3.13 -6.18 -1.86
CA CYS A 23 1.97 -6.73 -2.57
C CYS A 23 2.42 -7.23 -3.94
N ARG A 24 1.46 -7.67 -4.74
CA ARG A 24 1.75 -8.40 -5.97
C ARG A 24 2.22 -7.45 -7.07
N ASN A 25 2.85 -8.03 -8.09
CA ASN A 25 3.29 -7.31 -9.28
C ASN A 25 3.70 -5.88 -8.93
N GLY A 26 4.63 -5.78 -7.98
CA GLY A 26 5.24 -4.49 -7.68
C GLY A 26 4.42 -3.72 -6.64
N LYS A 27 3.12 -3.99 -6.59
CA LYS A 27 2.24 -3.18 -5.76
C LYS A 27 2.49 -3.49 -4.30
N LYS A 28 2.58 -2.43 -3.50
CA LYS A 28 2.94 -2.54 -2.08
C LYS A 28 1.76 -2.04 -1.25
N CYS A 29 1.82 -2.23 0.06
CA CYS A 29 0.75 -1.71 0.91
C CYS A 29 1.17 -0.31 1.34
N CYS A 30 0.51 0.70 0.80
CA CYS A 30 0.80 2.04 1.29
C CYS A 30 -0.05 2.31 2.53
N VAL A 31 0.62 2.51 3.66
CA VAL A 31 -0.08 2.83 4.89
C VAL A 31 -0.26 4.34 4.96
N ASN A 32 -1.52 4.74 5.01
CA ASN A 32 -1.85 6.15 4.94
C ASN A 32 -0.99 6.96 5.90
N LYS A 1 -3.57 -11.19 3.94
CA LYS A 1 -3.13 -10.63 2.63
C LYS A 1 -3.72 -9.23 2.46
N LYS A 2 -3.77 -8.48 3.55
CA LYS A 2 -4.30 -7.12 3.53
C LYS A 2 -3.26 -6.14 4.07
N CYS A 3 -3.38 -4.89 3.65
CA CYS A 3 -2.48 -3.85 4.13
C CYS A 3 -2.84 -3.42 5.54
N TRP A 4 -2.14 -2.38 5.99
CA TRP A 4 -2.16 -2.00 7.41
C TRP A 4 -2.71 -0.57 7.52
N ASN A 5 -3.17 -0.20 8.71
CA ASN A 5 -3.68 1.14 8.92
C ASN A 5 -4.74 1.48 7.89
N GLY A 6 -5.49 0.47 7.48
CA GLY A 6 -6.57 0.68 6.51
C GLY A 6 -6.01 1.06 5.15
N GLY A 7 -4.69 1.01 5.02
CA GLY A 7 -4.04 1.34 3.76
C GLY A 7 -4.47 0.38 2.65
N ARG A 8 -3.92 0.53 1.46
CA ARG A 8 -4.24 -0.36 0.34
C ARG A 8 -2.98 -0.83 -0.37
N CYS A 9 -3.14 -1.66 -1.39
CA CYS A 9 -2.04 -2.07 -2.26
C CYS A 9 -2.17 -1.39 -3.62
N ARG A 10 -1.11 -0.69 -4.03
CA ARG A 10 -1.01 -0.19 -5.39
C ARG A 10 0.44 0.11 -5.76
N LYS A 11 0.70 0.25 -7.06
CA LYS A 11 2.03 0.67 -7.52
C LYS A 11 2.40 1.98 -6.85
N LYS A 12 1.38 2.78 -6.56
CA LYS A 12 1.54 4.09 -5.93
C LYS A 12 0.71 4.14 -4.65
N CYS A 13 0.85 5.21 -3.88
CA CYS A 13 0.13 5.34 -2.62
C CYS A 13 -0.99 6.36 -2.75
N LYS A 14 -2.19 5.91 -2.42
CA LYS A 14 -3.38 6.75 -2.54
C LYS A 14 -3.09 8.14 -2.00
N GLU A 15 -4.00 9.08 -2.27
CA GLU A 15 -3.82 10.45 -1.81
C GLU A 15 -3.28 10.48 -0.38
N ASN A 16 -2.08 11.05 -0.23
CA ASN A 16 -1.49 11.25 1.09
C ASN A 16 -1.28 9.92 1.79
N GLU A 17 -0.65 8.96 1.11
CA GLU A 17 -0.42 7.64 1.67
C GLU A 17 1.05 7.24 1.53
N LYS A 18 1.62 6.74 2.63
CA LYS A 18 3.04 6.41 2.68
C LYS A 18 3.25 4.99 2.14
N PRO A 19 4.16 4.77 1.21
CA PRO A 19 4.47 3.39 0.75
C PRO A 19 4.95 2.50 1.90
N ILE A 20 4.33 1.32 2.03
CA ILE A 20 4.89 0.29 2.89
C ILE A 20 4.65 -1.12 2.35
N GLY A 21 5.07 -2.07 3.17
CA GLY A 21 4.73 -3.48 2.99
C GLY A 21 4.86 -3.87 1.52
N TYR A 22 4.53 -5.12 1.20
CA TYR A 22 4.79 -5.66 -0.13
C TYR A 22 3.54 -6.37 -0.66
N CYS A 23 3.47 -6.47 -1.98
CA CYS A 23 2.25 -6.89 -2.66
C CYS A 23 2.64 -7.44 -4.04
N ARG A 24 1.62 -7.80 -4.83
CA ARG A 24 1.87 -8.48 -6.10
C ARG A 24 2.35 -7.49 -7.16
N ASN A 25 2.94 -8.05 -8.21
CA ASN A 25 3.40 -7.29 -9.37
C ASN A 25 3.82 -5.88 -8.98
N GLY A 26 4.74 -5.80 -8.02
CA GLY A 26 5.37 -4.53 -7.69
C GLY A 26 4.58 -3.77 -6.64
N LYS A 27 3.27 -4.00 -6.58
CA LYS A 27 2.43 -3.15 -5.74
C LYS A 27 2.70 -3.46 -4.27
N LYS A 28 2.72 -2.40 -3.47
CA LYS A 28 3.13 -2.46 -2.08
C LYS A 28 1.96 -2.06 -1.20
N CYS A 29 2.06 -2.24 0.11
CA CYS A 29 1.02 -1.72 0.98
C CYS A 29 1.42 -0.32 1.40
N CYS A 30 0.70 0.64 0.83
CA CYS A 30 0.81 2.01 1.32
C CYS A 30 -0.08 2.18 2.55
N VAL A 31 0.54 2.59 3.65
CA VAL A 31 -0.19 2.86 4.87
C VAL A 31 -0.66 4.31 4.80
N ASN A 32 -1.97 4.48 4.84
CA ASN A 32 -2.54 5.81 4.76
C ASN A 32 -2.14 6.63 5.98
N LYS A 1 -5.84 -6.77 -1.30
CA LYS A 1 -6.73 -6.55 -0.13
C LYS A 1 -5.97 -6.89 1.15
N LYS A 2 -4.68 -6.60 1.18
CA LYS A 2 -3.84 -6.89 2.33
C LYS A 2 -2.90 -5.73 2.61
N CYS A 3 -3.05 -5.15 3.80
CA CYS A 3 -2.18 -4.09 4.27
C CYS A 3 -2.49 -3.72 5.72
N TRP A 4 -1.83 -2.67 6.20
CA TRP A 4 -1.85 -2.31 7.61
C TRP A 4 -2.45 -0.91 7.77
N ASN A 5 -2.65 -0.49 9.02
CA ASN A 5 -3.16 0.85 9.30
C ASN A 5 -4.26 1.24 8.32
N GLY A 6 -5.05 0.26 7.91
CA GLY A 6 -6.17 0.51 7.02
C GLY A 6 -5.69 1.02 5.66
N GLY A 7 -4.47 0.64 5.31
CA GLY A 7 -3.89 1.04 4.03
C GLY A 7 -4.40 0.13 2.92
N ARG A 8 -3.83 0.29 1.73
CA ARG A 8 -4.13 -0.62 0.62
C ARG A 8 -2.85 -1.07 -0.07
N CYS A 9 -2.97 -2.01 -1.01
CA CYS A 9 -1.85 -2.40 -1.85
C CYS A 9 -2.06 -1.85 -3.26
N ARG A 10 -1.07 -1.12 -3.76
CA ARG A 10 -1.07 -0.66 -5.14
C ARG A 10 0.35 -0.25 -5.55
N LYS A 11 0.58 -0.11 -6.84
CA LYS A 11 1.87 0.38 -7.34
C LYS A 11 2.10 1.81 -6.89
N LYS A 12 1.03 2.46 -6.44
CA LYS A 12 1.08 3.81 -5.91
C LYS A 12 0.39 3.85 -4.54
N CYS A 13 0.48 4.99 -3.85
CA CYS A 13 -0.16 5.15 -2.56
C CYS A 13 -1.38 6.04 -2.66
N LYS A 14 -2.51 5.51 -2.21
CA LYS A 14 -3.78 6.23 -2.26
C LYS A 14 -3.58 7.68 -1.85
N GLU A 15 -4.60 8.51 -2.08
CA GLU A 15 -4.55 9.91 -1.72
C GLU A 15 -3.76 10.14 -0.42
N ASN A 16 -2.59 10.76 -0.57
CA ASN A 16 -1.77 11.14 0.57
C ASN A 16 -1.44 9.93 1.44
N GLU A 17 -0.88 8.88 0.83
CA GLU A 17 -0.58 7.66 1.57
C GLU A 17 0.89 7.29 1.45
N LYS A 18 1.46 6.85 2.58
CA LYS A 18 2.89 6.57 2.65
C LYS A 18 3.17 5.18 2.07
N PRO A 19 4.10 5.01 1.15
CA PRO A 19 4.49 3.65 0.70
C PRO A 19 5.03 2.79 1.85
N ILE A 20 4.47 1.60 2.03
CA ILE A 20 5.08 0.63 2.93
C ILE A 20 4.91 -0.82 2.47
N GLY A 21 5.37 -1.71 3.33
CA GLY A 21 5.17 -3.15 3.18
C GLY A 21 5.29 -3.57 1.71
N TYR A 22 5.06 -4.86 1.46
CA TYR A 22 5.31 -5.44 0.15
C TYR A 22 4.10 -6.27 -0.30
N CYS A 23 3.94 -6.40 -1.60
CA CYS A 23 2.73 -6.97 -2.18
C CYS A 23 3.09 -7.59 -3.54
N ARG A 24 2.07 -8.08 -4.24
CA ARG A 24 2.29 -8.84 -5.46
C ARG A 24 2.64 -7.92 -6.62
N ASN A 25 3.23 -8.52 -7.66
CA ASN A 25 3.53 -7.84 -8.91
C ASN A 25 3.83 -6.36 -8.69
N GLY A 26 4.79 -6.10 -7.82
CA GLY A 26 5.32 -4.74 -7.66
C GLY A 26 4.56 -3.99 -6.58
N LYS A 27 3.29 -4.31 -6.40
CA LYS A 27 2.44 -3.48 -5.54
C LYS A 27 2.85 -3.69 -4.08
N LYS A 28 2.86 -2.59 -3.35
CA LYS A 28 3.35 -2.57 -1.97
C LYS A 28 2.20 -2.11 -1.07
N CYS A 29 2.36 -2.21 0.24
CA CYS A 29 1.32 -1.67 1.11
C CYS A 29 1.69 -0.23 1.41
N CYS A 30 0.90 0.65 0.80
CA CYS A 30 0.93 2.04 1.24
C CYS A 30 0.04 2.20 2.46
N VAL A 31 0.65 2.48 3.60
CA VAL A 31 -0.10 2.77 4.81
C VAL A 31 -0.40 4.27 4.83
N ASN A 32 -1.70 4.54 4.88
CA ASN A 32 -2.19 5.91 4.89
C ASN A 32 -1.48 6.73 5.97
N LYS A 1 -1.43 -8.57 -0.17
CA LYS A 1 -2.84 -9.06 -0.12
C LYS A 1 -3.54 -8.43 1.08
N LYS A 2 -2.75 -7.87 1.99
CA LYS A 2 -3.29 -7.24 3.19
C LYS A 2 -2.42 -6.06 3.59
N CYS A 3 -3.06 -4.98 4.04
CA CYS A 3 -2.34 -3.79 4.49
C CYS A 3 -2.80 -3.37 5.88
N TRP A 4 -2.29 -2.22 6.31
CA TRP A 4 -2.43 -1.78 7.69
C TRP A 4 -3.10 -0.40 7.69
N ASN A 5 -3.51 0.08 8.85
CA ASN A 5 -4.07 1.41 8.98
C ASN A 5 -5.09 1.68 7.86
N GLY A 6 -5.78 0.62 7.45
CA GLY A 6 -6.80 0.76 6.40
C GLY A 6 -6.15 1.09 5.06
N GLY A 7 -4.83 1.13 5.05
CA GLY A 7 -4.11 1.38 3.80
C GLY A 7 -4.53 0.37 2.73
N ARG A 8 -3.91 0.46 1.55
CA ARG A 8 -4.25 -0.44 0.45
C ARG A 8 -3.00 -0.89 -0.28
N CYS A 9 -3.17 -1.76 -1.27
CA CYS A 9 -2.08 -2.21 -2.13
C CYS A 9 -2.22 -1.57 -3.51
N ARG A 10 -1.15 -0.91 -3.95
CA ARG A 10 -1.11 -0.36 -5.30
C ARG A 10 0.34 -0.03 -5.67
N LYS A 11 0.62 0.11 -6.96
CA LYS A 11 1.95 0.51 -7.40
C LYS A 11 2.28 1.90 -6.88
N LYS A 12 1.24 2.61 -6.45
CA LYS A 12 1.37 3.94 -5.88
C LYS A 12 0.57 4.00 -4.59
N CYS A 13 0.70 5.10 -3.86
CA CYS A 13 0.08 5.22 -2.54
C CYS A 13 -1.13 6.15 -2.61
N LYS A 14 -2.26 5.60 -2.17
CA LYS A 14 -3.54 6.31 -2.23
C LYS A 14 -3.36 7.76 -1.77
N GLU A 15 -4.39 8.57 -1.97
CA GLU A 15 -4.36 9.96 -1.55
C GLU A 15 -3.55 10.16 -0.28
N ASN A 16 -2.38 10.79 -0.44
CA ASN A 16 -1.56 11.17 0.71
C ASN A 16 -1.23 9.95 1.56
N GLU A 17 -0.63 8.93 0.94
CA GLU A 17 -0.33 7.69 1.64
C GLU A 17 1.14 7.31 1.47
N LYS A 18 1.74 6.76 2.53
CA LYS A 18 3.15 6.44 2.53
C LYS A 18 3.37 4.99 2.06
N PRO A 19 4.37 4.72 1.26
CA PRO A 19 4.65 3.31 0.86
C PRO A 19 4.97 2.44 2.07
N ILE A 20 4.32 1.28 2.15
CA ILE A 20 4.69 0.29 3.17
C ILE A 20 4.48 -1.14 2.67
N GLY A 21 4.72 -2.09 3.57
CA GLY A 21 4.47 -3.51 3.31
C GLY A 21 4.72 -3.88 1.85
N TYR A 22 4.33 -5.10 1.49
CA TYR A 22 4.62 -5.63 0.16
C TYR A 22 3.40 -6.38 -0.40
N CYS A 23 3.26 -6.34 -1.72
CA CYS A 23 2.11 -6.93 -2.40
C CYS A 23 2.55 -7.50 -3.74
N ARG A 24 1.58 -7.99 -4.50
CA ARG A 24 1.85 -8.75 -5.73
C ARG A 24 2.26 -7.81 -6.86
N ASN A 25 2.89 -8.42 -7.86
CA ASN A 25 3.26 -7.73 -9.09
C ASN A 25 3.58 -6.25 -8.85
N GLY A 26 4.51 -6.02 -7.93
CA GLY A 26 5.07 -4.68 -7.75
C GLY A 26 4.32 -3.91 -6.67
N LYS A 27 3.02 -4.18 -6.52
CA LYS A 27 2.19 -3.36 -5.66
C LYS A 27 2.54 -3.64 -4.20
N LYS A 28 2.57 -2.57 -3.40
CA LYS A 28 2.97 -2.65 -1.99
C LYS A 28 1.86 -2.07 -1.14
N CYS A 29 1.95 -2.23 0.18
CA CYS A 29 0.90 -1.69 1.04
C CYS A 29 1.32 -0.29 1.43
N CYS A 30 0.66 0.72 0.88
CA CYS A 30 0.94 2.06 1.37
C CYS A 30 0.12 2.33 2.61
N VAL A 31 0.81 2.56 3.72
CA VAL A 31 0.13 2.87 4.97
C VAL A 31 -0.08 4.37 5.03
N ASN A 32 -1.36 4.74 5.12
CA ASN A 32 -1.76 6.14 5.06
C ASN A 32 -0.78 7.02 5.84
N LYS A 1 -5.55 -5.82 -1.09
CA LYS A 1 -5.55 -7.26 -0.68
C LYS A 1 -5.23 -7.35 0.80
N LYS A 2 -3.96 -7.14 1.15
CA LYS A 2 -3.52 -7.17 2.53
C LYS A 2 -2.64 -5.97 2.82
N CYS A 3 -2.90 -5.31 3.94
CA CYS A 3 -2.09 -4.17 4.38
C CYS A 3 -2.43 -3.78 5.82
N TRP A 4 -1.82 -2.68 6.24
CA TRP A 4 -1.85 -2.26 7.65
C TRP A 4 -2.53 -0.90 7.77
N ASN A 5 -2.83 -0.49 8.99
CA ASN A 5 -3.43 0.81 9.24
C ASN A 5 -4.50 1.11 8.20
N GLY A 6 -5.17 0.05 7.75
CA GLY A 6 -6.29 0.20 6.82
C GLY A 6 -5.81 0.65 5.44
N GLY A 7 -4.50 0.82 5.29
CA GLY A 7 -3.95 1.19 3.99
C GLY A 7 -4.39 0.18 2.93
N ARG A 8 -3.83 0.30 1.72
CA ARG A 8 -4.14 -0.63 0.64
C ARG A 8 -2.87 -1.07 -0.08
N CYS A 9 -3.01 -1.99 -1.03
CA CYS A 9 -1.89 -2.40 -1.88
C CYS A 9 -2.09 -1.81 -3.27
N ARG A 10 -1.08 -1.08 -3.74
CA ARG A 10 -1.04 -0.60 -5.11
C ARG A 10 0.39 -0.23 -5.50
N LYS A 11 0.67 -0.25 -6.80
CA LYS A 11 1.99 0.15 -7.28
C LYS A 11 2.27 1.59 -6.85
N LYS A 12 1.23 2.24 -6.35
CA LYS A 12 1.31 3.62 -5.88
C LYS A 12 0.57 3.73 -4.55
N CYS A 13 0.67 4.88 -3.90
CA CYS A 13 -0.02 5.09 -2.62
C CYS A 13 -1.20 6.03 -2.81
N LYS A 14 -2.37 5.54 -2.39
CA LYS A 14 -3.59 6.32 -2.50
C LYS A 14 -3.36 7.76 -2.06
N GLU A 15 -4.30 8.63 -2.37
CA GLU A 15 -4.18 10.04 -2.02
C GLU A 15 -3.52 10.22 -0.65
N ASN A 16 -2.34 10.82 -0.65
CA ASN A 16 -1.66 11.17 0.60
C ASN A 16 -1.40 9.94 1.45
N GLU A 17 -0.83 8.90 0.84
CA GLU A 17 -0.56 7.65 1.56
C GLU A 17 0.91 7.28 1.50
N LYS A 18 1.46 6.91 2.65
CA LYS A 18 2.88 6.62 2.77
C LYS A 18 3.17 5.24 2.18
N PRO A 19 4.12 5.08 1.29
CA PRO A 19 4.50 3.71 0.82
C PRO A 19 5.03 2.85 1.97
N ILE A 20 4.49 1.64 2.09
CA ILE A 20 5.11 0.65 2.97
C ILE A 20 4.95 -0.77 2.43
N GLY A 21 5.44 -1.69 3.27
CA GLY A 21 5.13 -3.12 3.12
C GLY A 21 5.24 -3.54 1.67
N TYR A 22 5.04 -4.84 1.42
CA TYR A 22 5.27 -5.40 0.10
C TYR A 22 4.07 -6.27 -0.29
N CYS A 23 3.88 -6.43 -1.61
CA CYS A 23 2.65 -6.99 -2.14
C CYS A 23 2.96 -7.61 -3.51
N ARG A 24 1.92 -8.10 -4.18
CA ARG A 24 2.06 -8.79 -5.45
C ARG A 24 2.31 -7.79 -6.59
N ASN A 25 2.80 -8.34 -7.70
CA ASN A 25 3.00 -7.58 -8.92
C ASN A 25 3.40 -6.14 -8.64
N GLY A 26 4.46 -5.97 -7.87
CA GLY A 26 5.00 -4.63 -7.64
C GLY A 26 4.26 -3.91 -6.52
N LYS A 27 2.99 -4.26 -6.33
CA LYS A 27 2.15 -3.48 -5.43
C LYS A 27 2.63 -3.66 -3.99
N LYS A 28 2.71 -2.52 -3.30
CA LYS A 28 3.20 -2.49 -1.92
C LYS A 28 2.05 -2.08 -1.01
N CYS A 29 2.24 -2.20 0.30
CA CYS A 29 1.24 -1.66 1.22
C CYS A 29 1.63 -0.23 1.54
N CYS A 30 0.85 0.67 0.97
CA CYS A 30 0.91 2.06 1.40
C CYS A 30 0.00 2.26 2.60
N VAL A 31 0.61 2.61 3.73
CA VAL A 31 -0.16 2.93 4.93
C VAL A 31 -0.54 4.39 4.89
N ASN A 32 -1.85 4.62 4.92
CA ASN A 32 -2.38 5.96 4.79
C ASN A 32 -1.84 6.85 5.90
N LYS A 1 -1.95 -11.44 1.72
CA LYS A 1 -1.98 -10.55 2.91
C LYS A 1 -2.45 -9.17 2.51
N LYS A 2 -3.41 -8.63 3.27
CA LYS A 2 -3.93 -7.29 3.01
C LYS A 2 -3.02 -6.24 3.64
N CYS A 3 -3.40 -4.97 3.48
CA CYS A 3 -2.60 -3.87 4.02
C CYS A 3 -3.00 -3.56 5.46
N TRP A 4 -2.38 -2.50 5.97
CA TRP A 4 -2.41 -2.19 7.40
C TRP A 4 -2.98 -0.78 7.58
N ASN A 5 -3.31 -0.42 8.81
CA ASN A 5 -3.82 0.91 9.09
C ASN A 5 -4.79 1.36 8.02
N GLY A 6 -5.54 0.41 7.47
CA GLY A 6 -6.57 0.71 6.51
C GLY A 6 -5.99 1.19 5.18
N GLY A 7 -4.73 0.87 4.95
CA GLY A 7 -4.06 1.26 3.72
C GLY A 7 -4.55 0.41 2.55
N ARG A 8 -3.85 0.48 1.42
CA ARG A 8 -4.19 -0.34 0.27
C ARG A 8 -2.92 -0.81 -0.46
N CYS A 9 -3.06 -1.68 -1.45
CA CYS A 9 -1.92 -2.06 -2.28
C CYS A 9 -2.07 -1.40 -3.65
N ARG A 10 -1.01 -0.69 -4.03
CA ARG A 10 -0.86 -0.20 -5.39
C ARG A 10 0.61 0.10 -5.67
N LYS A 11 0.97 0.17 -6.95
CA LYS A 11 2.34 0.55 -7.30
C LYS A 11 2.65 1.95 -6.79
N LYS A 12 1.59 2.64 -6.36
CA LYS A 12 1.72 3.97 -5.80
C LYS A 12 0.85 4.09 -4.55
N CYS A 13 0.97 5.20 -3.84
CA CYS A 13 0.22 5.39 -2.61
C CYS A 13 -0.90 6.40 -2.81
N LYS A 14 -2.12 5.96 -2.49
CA LYS A 14 -3.30 6.80 -2.67
C LYS A 14 -3.06 8.18 -2.07
N GLU A 15 -3.96 9.11 -2.36
CA GLU A 15 -3.86 10.46 -1.84
C GLU A 15 -3.29 10.46 -0.41
N ASN A 16 -2.14 11.11 -0.27
CA ASN A 16 -1.54 11.31 1.04
C ASN A 16 -1.33 9.98 1.76
N GLU A 17 -0.70 9.03 1.08
CA GLU A 17 -0.48 7.71 1.65
C GLU A 17 1.00 7.33 1.59
N LYS A 18 1.51 6.83 2.72
CA LYS A 18 2.92 6.51 2.86
C LYS A 18 3.20 5.12 2.28
N PRO A 19 4.17 4.94 1.41
CA PRO A 19 4.51 3.56 0.93
C PRO A 19 4.94 2.64 2.06
N ILE A 20 4.32 1.48 2.17
CA ILE A 20 4.84 0.42 3.03
C ILE A 20 4.60 -0.98 2.47
N GLY A 21 4.99 -1.97 3.26
CA GLY A 21 4.62 -3.36 3.03
C GLY A 21 4.73 -3.74 1.56
N TYR A 22 4.40 -4.99 1.25
CA TYR A 22 4.60 -5.55 -0.07
C TYR A 22 3.30 -6.18 -0.57
N CYS A 23 3.13 -6.25 -1.89
CA CYS A 23 1.90 -6.77 -2.49
C CYS A 23 2.20 -7.30 -3.89
N ARG A 24 1.16 -7.73 -4.60
CA ARG A 24 1.32 -8.50 -5.84
C ARG A 24 1.72 -7.59 -6.99
N ASN A 25 2.22 -8.23 -8.05
CA ASN A 25 2.64 -7.53 -9.25
C ASN A 25 3.31 -6.19 -8.92
N GLY A 26 4.32 -6.26 -8.07
CA GLY A 26 5.15 -5.09 -7.81
C GLY A 26 4.38 -4.01 -7.07
N LYS A 27 3.32 -4.40 -6.36
CA LYS A 27 2.53 -3.44 -5.59
C LYS A 27 2.98 -3.47 -4.14
N LYS A 28 2.80 -2.37 -3.42
CA LYS A 28 3.14 -2.33 -2.01
C LYS A 28 1.94 -1.87 -1.19
N CYS A 29 2.00 -2.07 0.11
CA CYS A 29 0.94 -1.55 0.96
C CYS A 29 1.36 -0.15 1.39
N CYS A 30 0.69 0.84 0.82
CA CYS A 30 0.85 2.18 1.35
C CYS A 30 -0.10 2.35 2.52
N VAL A 31 0.48 2.58 3.70
CA VAL A 31 -0.34 2.85 4.88
C VAL A 31 -0.61 4.35 4.91
N ASN A 32 -1.90 4.66 4.87
CA ASN A 32 -2.37 6.04 4.84
C ASN A 32 -1.54 6.91 5.79
N LYS A 1 -1.48 -10.81 2.57
CA LYS A 1 -2.91 -10.79 2.99
C LYS A 1 -3.51 -9.44 2.62
N LYS A 2 -3.85 -8.64 3.63
CA LYS A 2 -4.39 -7.30 3.41
C LYS A 2 -3.45 -6.26 4.02
N CYS A 3 -3.45 -5.06 3.46
CA CYS A 3 -2.60 -4.00 3.98
C CYS A 3 -3.00 -3.65 5.40
N TRP A 4 -2.33 -2.61 5.92
CA TRP A 4 -2.36 -2.28 7.33
C TRP A 4 -2.91 -0.87 7.50
N ASN A 5 -3.21 -0.48 8.73
CA ASN A 5 -3.70 0.86 9.01
C ASN A 5 -4.71 1.30 7.96
N GLY A 6 -5.45 0.34 7.43
CA GLY A 6 -6.53 0.64 6.49
C GLY A 6 -5.99 1.04 5.13
N GLY A 7 -4.67 0.97 4.97
CA GLY A 7 -4.05 1.31 3.69
C GLY A 7 -4.58 0.42 2.57
N ARG A 8 -3.97 0.53 1.40
CA ARG A 8 -4.31 -0.34 0.28
C ARG A 8 -3.04 -0.84 -0.42
N CYS A 9 -3.20 -1.64 -1.47
CA CYS A 9 -2.08 -2.08 -2.29
C CYS A 9 -2.13 -1.35 -3.63
N ARG A 10 -1.02 -0.71 -3.97
CA ARG A 10 -0.87 -0.07 -5.28
C ARG A 10 0.60 0.21 -5.54
N LYS A 11 1.00 0.23 -6.81
CA LYS A 11 2.37 0.61 -7.16
C LYS A 11 2.65 2.02 -6.66
N LYS A 12 1.57 2.71 -6.31
CA LYS A 12 1.65 4.05 -5.75
C LYS A 12 0.84 4.09 -4.45
N CYS A 13 0.93 5.22 -3.75
CA CYS A 13 0.20 5.39 -2.50
C CYS A 13 -0.97 6.35 -2.67
N LYS A 14 -2.15 5.86 -2.32
CA LYS A 14 -3.36 6.65 -2.46
C LYS A 14 -3.12 8.07 -1.97
N GLU A 15 -4.07 8.96 -2.28
CA GLU A 15 -3.93 10.36 -1.91
C GLU A 15 -3.28 10.52 -0.53
N ASN A 16 -2.07 11.06 -0.53
CA ASN A 16 -1.37 11.36 0.71
C ASN A 16 -1.16 10.10 1.54
N GLU A 17 -0.63 9.05 0.93
CA GLU A 17 -0.40 7.80 1.63
C GLU A 17 1.07 7.39 1.55
N LYS A 18 1.58 6.82 2.64
CA LYS A 18 2.99 6.47 2.75
C LYS A 18 3.22 5.08 2.15
N PRO A 19 4.17 4.87 1.28
CA PRO A 19 4.52 3.50 0.83
C PRO A 19 4.95 2.61 1.99
N ILE A 20 4.32 1.44 2.11
CA ILE A 20 4.85 0.40 2.98
C ILE A 20 4.60 -1.02 2.45
N GLY A 21 4.97 -1.97 3.28
CA GLY A 21 4.68 -3.39 3.05
C GLY A 21 4.82 -3.75 1.59
N TYR A 22 4.51 -5.00 1.27
CA TYR A 22 4.74 -5.56 -0.06
C TYR A 22 3.47 -6.24 -0.56
N CYS A 23 3.33 -6.32 -1.88
CA CYS A 23 2.11 -6.81 -2.51
C CYS A 23 2.48 -7.35 -3.89
N ARG A 24 1.46 -7.76 -4.65
CA ARG A 24 1.68 -8.48 -5.90
C ARG A 24 2.11 -7.52 -7.01
N ASN A 25 2.68 -8.12 -8.06
CA ASN A 25 3.05 -7.40 -9.27
C ASN A 25 3.48 -5.97 -8.98
N GLY A 26 4.46 -5.83 -8.09
CA GLY A 26 5.06 -4.53 -7.82
C GLY A 26 4.32 -3.79 -6.71
N LYS A 27 3.02 -4.04 -6.59
CA LYS A 27 2.19 -3.22 -5.72
C LYS A 27 2.54 -3.51 -4.26
N LYS A 28 2.63 -2.43 -3.49
CA LYS A 28 3.05 -2.50 -2.09
C LYS A 28 1.90 -2.04 -1.21
N CYS A 29 2.02 -2.20 0.10
CA CYS A 29 0.98 -1.64 0.95
C CYS A 29 1.42 -0.24 1.32
N CYS A 30 0.73 0.72 0.73
CA CYS A 30 0.84 2.09 1.19
C CYS A 30 -0.08 2.30 2.37
N VAL A 31 0.52 2.52 3.55
CA VAL A 31 -0.27 2.80 4.73
C VAL A 31 -0.51 4.31 4.79
N ASN A 32 -1.79 4.65 4.79
CA ASN A 32 -2.21 6.04 4.76
C ASN A 32 -1.52 6.82 5.88
N LYS A 1 -3.62 -8.74 -0.60
CA LYS A 1 -4.45 -7.57 -0.19
C LYS A 1 -4.28 -7.34 1.31
N LYS A 2 -3.12 -7.75 1.83
CA LYS A 2 -2.83 -7.62 3.25
C LYS A 2 -2.06 -6.33 3.51
N CYS A 3 -2.70 -5.35 4.14
CA CYS A 3 -2.04 -4.11 4.51
C CYS A 3 -2.45 -3.68 5.91
N TRP A 4 -1.99 -2.49 6.28
CA TRP A 4 -2.03 -2.02 7.66
C TRP A 4 -2.78 -0.68 7.71
N ASN A 5 -3.19 -0.26 8.90
CA ASN A 5 -3.85 1.02 9.07
C ASN A 5 -4.86 1.28 7.97
N GLY A 6 -5.52 0.21 7.50
CA GLY A 6 -6.56 0.35 6.49
C GLY A 6 -5.96 0.78 5.15
N GLY A 7 -4.64 0.91 5.13
CA GLY A 7 -3.94 1.22 3.87
C GLY A 7 -4.26 0.15 2.82
N ARG A 8 -3.90 0.42 1.57
CA ARG A 8 -4.20 -0.50 0.48
C ARG A 8 -2.93 -0.92 -0.26
N CYS A 9 -3.08 -1.76 -1.28
CA CYS A 9 -1.96 -2.17 -2.12
C CYS A 9 -2.08 -1.53 -3.51
N ARG A 10 -1.03 -0.84 -3.93
CA ARG A 10 -0.96 -0.31 -5.30
C ARG A 10 0.49 0.01 -5.65
N LYS A 11 0.79 0.11 -6.94
CA LYS A 11 2.13 0.49 -7.37
C LYS A 11 2.47 1.89 -6.84
N LYS A 12 1.42 2.58 -6.42
CA LYS A 12 1.56 3.91 -5.83
C LYS A 12 0.65 4.00 -4.60
N CYS A 13 0.76 5.10 -3.87
CA CYS A 13 0.06 5.25 -2.60
C CYS A 13 -1.10 6.22 -2.74
N LYS A 14 -2.28 5.72 -2.36
CA LYS A 14 -3.52 6.48 -2.52
C LYS A 14 -3.33 7.90 -1.99
N GLU A 15 -4.29 8.77 -2.29
CA GLU A 15 -4.26 10.15 -1.83
C GLU A 15 -3.52 10.31 -0.51
N ASN A 16 -2.33 10.88 -0.58
CA ASN A 16 -1.56 11.21 0.62
C ASN A 16 -1.30 9.96 1.46
N GLU A 17 -0.77 8.91 0.83
CA GLU A 17 -0.52 7.65 1.53
C GLU A 17 0.95 7.28 1.47
N LYS A 18 1.46 6.79 2.60
CA LYS A 18 2.88 6.48 2.74
C LYS A 18 3.15 5.07 2.18
N PRO A 19 4.09 4.89 1.29
CA PRO A 19 4.46 3.52 0.83
C PRO A 19 4.89 2.64 1.99
N ILE A 20 4.30 1.45 2.10
CA ILE A 20 4.74 0.49 3.10
C ILE A 20 4.55 -0.96 2.63
N GLY A 21 4.89 -1.89 3.51
CA GLY A 21 4.70 -3.32 3.27
C GLY A 21 4.87 -3.70 1.81
N TYR A 22 4.56 -4.95 1.50
CA TYR A 22 4.82 -5.51 0.17
C TYR A 22 3.61 -6.30 -0.31
N CYS A 23 3.45 -6.39 -1.63
CA CYS A 23 2.25 -6.95 -2.24
C CYS A 23 2.62 -7.58 -3.59
N ARG A 24 1.61 -8.05 -4.31
CA ARG A 24 1.82 -8.78 -5.55
C ARG A 24 2.17 -7.82 -6.69
N ASN A 25 2.73 -8.41 -7.75
CA ASN A 25 3.04 -7.71 -8.99
C ASN A 25 3.42 -6.24 -8.73
N GLY A 26 4.42 -6.05 -7.88
CA GLY A 26 4.99 -4.71 -7.70
C GLY A 26 4.24 -3.94 -6.62
N LYS A 27 2.95 -4.23 -6.46
CA LYS A 27 2.11 -3.42 -5.59
C LYS A 27 2.51 -3.64 -4.13
N LYS A 28 2.61 -2.54 -3.40
CA LYS A 28 3.07 -2.56 -2.02
C LYS A 28 1.93 -2.08 -1.13
N CYS A 29 2.06 -2.21 0.19
CA CYS A 29 1.02 -1.71 1.06
C CYS A 29 1.37 -0.28 1.43
N CYS A 30 0.65 0.69 0.90
CA CYS A 30 0.88 2.04 1.39
C CYS A 30 0.05 2.28 2.64
N VAL A 31 0.75 2.61 3.72
CA VAL A 31 0.07 2.91 4.98
C VAL A 31 -0.28 4.39 4.97
N ASN A 32 -1.58 4.66 5.07
CA ASN A 32 -2.07 6.02 4.95
C ASN A 32 -1.31 6.93 5.88
N LYS A 1 -3.19 -11.00 1.83
CA LYS A 1 -2.17 -10.06 2.37
C LYS A 1 -2.77 -8.66 2.45
N LYS A 2 -3.77 -8.50 3.30
CA LYS A 2 -4.44 -7.20 3.45
C LYS A 2 -3.46 -6.19 4.04
N CYS A 3 -3.49 -4.97 3.51
CA CYS A 3 -2.60 -3.92 4.01
C CYS A 3 -3.00 -3.52 5.42
N TRP A 4 -2.33 -2.49 5.92
CA TRP A 4 -2.41 -2.10 7.33
C TRP A 4 -2.90 -0.65 7.41
N ASN A 5 -3.20 -0.19 8.62
CA ASN A 5 -3.64 1.20 8.81
C ASN A 5 -4.67 1.59 7.76
N GLY A 6 -5.59 0.68 7.45
CA GLY A 6 -6.62 0.96 6.44
C GLY A 6 -5.97 1.33 5.12
N GLY A 7 -4.69 0.98 4.99
CA GLY A 7 -3.93 1.24 3.77
C GLY A 7 -4.47 0.40 2.62
N ARG A 8 -3.78 0.45 1.49
CA ARG A 8 -4.20 -0.29 0.30
C ARG A 8 -2.97 -0.74 -0.49
N CYS A 9 -3.18 -1.59 -1.50
CA CYS A 9 -2.07 -2.06 -2.34
C CYS A 9 -2.17 -1.39 -3.71
N ARG A 10 -1.07 -0.75 -4.10
CA ARG A 10 -0.92 -0.21 -5.44
C ARG A 10 0.55 0.10 -5.71
N LYS A 11 0.91 0.27 -6.99
CA LYS A 11 2.27 0.63 -7.35
C LYS A 11 2.60 2.01 -6.78
N LYS A 12 1.55 2.72 -6.39
CA LYS A 12 1.67 4.04 -5.77
C LYS A 12 0.78 4.09 -4.54
N CYS A 13 0.88 5.18 -3.78
CA CYS A 13 0.15 5.27 -2.52
C CYS A 13 -1.01 6.24 -2.64
N LYS A 14 -2.20 5.73 -2.30
CA LYS A 14 -3.43 6.50 -2.43
C LYS A 14 -3.22 7.92 -1.93
N GLU A 15 -4.18 8.79 -2.22
CA GLU A 15 -4.12 10.18 -1.78
C GLU A 15 -3.44 10.30 -0.42
N ASN A 16 -2.25 10.89 -0.42
CA ASN A 16 -1.55 11.20 0.83
C ASN A 16 -1.30 9.93 1.64
N GLU A 17 -0.71 8.92 1.02
CA GLU A 17 -0.45 7.66 1.69
C GLU A 17 1.02 7.27 1.62
N LYS A 18 1.55 6.82 2.75
CA LYS A 18 2.96 6.46 2.87
C LYS A 18 3.18 5.08 2.25
N PRO A 19 4.12 4.90 1.36
CA PRO A 19 4.46 3.53 0.88
C PRO A 19 5.01 2.67 2.00
N ILE A 20 4.40 1.50 2.21
CA ILE A 20 4.98 0.48 3.07
C ILE A 20 4.73 -0.92 2.50
N GLY A 21 5.16 -1.91 3.27
CA GLY A 21 4.75 -3.29 3.06
C GLY A 21 4.84 -3.68 1.59
N TYR A 22 4.58 -4.95 1.30
CA TYR A 22 4.81 -5.50 -0.04
C TYR A 22 3.56 -6.24 -0.52
N CYS A 23 3.44 -6.39 -1.84
CA CYS A 23 2.22 -6.87 -2.46
C CYS A 23 2.56 -7.46 -3.83
N ARG A 24 1.54 -7.87 -4.58
CA ARG A 24 1.74 -8.57 -5.84
C ARG A 24 2.15 -7.61 -6.94
N ASN A 25 2.69 -8.20 -8.01
CA ASN A 25 3.05 -7.48 -9.23
C ASN A 25 3.49 -6.04 -8.94
N GLY A 26 4.48 -5.89 -8.08
CA GLY A 26 5.08 -4.58 -7.84
C GLY A 26 4.33 -3.82 -6.76
N LYS A 27 3.04 -4.11 -6.62
CA LYS A 27 2.20 -3.28 -5.76
C LYS A 27 2.58 -3.52 -4.30
N LYS A 28 2.57 -2.44 -3.53
CA LYS A 28 3.03 -2.47 -2.14
C LYS A 28 1.85 -2.08 -1.26
N CYS A 29 1.96 -2.32 0.05
CA CYS A 29 0.93 -1.80 0.95
C CYS A 29 1.37 -0.42 1.41
N CYS A 30 0.68 0.58 0.88
CA CYS A 30 0.84 1.93 1.39
C CYS A 30 -0.04 2.11 2.61
N VAL A 31 0.59 2.38 3.75
CA VAL A 31 -0.14 2.69 4.97
C VAL A 31 -0.38 4.19 4.97
N ASN A 32 -1.67 4.52 5.00
CA ASN A 32 -2.10 5.91 4.93
C ASN A 32 -1.25 6.79 5.83
N LYS A 1 -3.09 -11.98 3.33
CA LYS A 1 -2.17 -10.82 3.14
C LYS A 1 -3.00 -9.60 2.77
N LYS A 2 -3.11 -8.68 3.72
CA LYS A 2 -3.79 -7.41 3.50
C LYS A 2 -2.97 -6.26 4.07
N CYS A 3 -3.21 -5.06 3.57
CA CYS A 3 -2.48 -3.90 4.05
C CYS A 3 -2.92 -3.52 5.46
N TRP A 4 -2.39 -2.39 5.92
CA TRP A 4 -2.43 -2.01 7.32
C TRP A 4 -3.07 -0.63 7.44
N ASN A 5 -3.54 -0.30 8.64
CA ASN A 5 -4.09 1.03 8.88
C ASN A 5 -5.07 1.43 7.78
N GLY A 6 -5.81 0.45 7.28
CA GLY A 6 -6.81 0.70 6.25
C GLY A 6 -6.15 1.16 4.95
N GLY A 7 -4.84 0.93 4.85
CA GLY A 7 -4.11 1.28 3.64
C GLY A 7 -4.51 0.35 2.50
N ARG A 8 -3.96 0.57 1.30
CA ARG A 8 -4.26 -0.27 0.16
C ARG A 8 -2.99 -0.74 -0.55
N CYS A 9 -3.15 -1.59 -1.55
CA CYS A 9 -2.03 -2.02 -2.38
C CYS A 9 -2.13 -1.36 -3.75
N ARG A 10 -1.05 -0.68 -4.14
CA ARG A 10 -0.93 -0.15 -5.49
C ARG A 10 0.52 0.22 -5.77
N LYS A 11 0.90 0.30 -7.05
CA LYS A 11 2.24 0.76 -7.40
C LYS A 11 2.46 2.18 -6.90
N LYS A 12 1.35 2.85 -6.58
CA LYS A 12 1.39 4.19 -6.00
C LYS A 12 0.65 4.19 -4.66
N CYS A 13 0.75 5.29 -3.93
CA CYS A 13 0.10 5.39 -2.62
C CYS A 13 -1.08 6.35 -2.67
N LYS A 14 -2.24 5.84 -2.27
CA LYS A 14 -3.47 6.62 -2.31
C LYS A 14 -3.25 8.01 -1.76
N GLU A 15 -4.20 8.90 -2.03
CA GLU A 15 -4.16 10.27 -1.55
C GLU A 15 -3.28 10.45 -0.32
N ASN A 16 -2.06 10.91 -0.56
CA ASN A 16 -1.15 11.24 0.53
C ASN A 16 -0.89 10.03 1.42
N GLU A 17 -0.51 8.90 0.81
CA GLU A 17 -0.28 7.67 1.55
C GLU A 17 1.18 7.25 1.49
N LYS A 18 1.68 6.74 2.62
CA LYS A 18 3.08 6.38 2.75
C LYS A 18 3.33 4.98 2.22
N PRO A 19 4.25 4.76 1.32
CA PRO A 19 4.57 3.38 0.85
C PRO A 19 4.90 2.47 2.02
N ILE A 20 4.25 1.31 2.09
CA ILE A 20 4.63 0.30 3.07
C ILE A 20 4.40 -1.13 2.57
N GLY A 21 4.69 -2.09 3.43
CA GLY A 21 4.40 -3.50 3.16
C GLY A 21 4.66 -3.86 1.70
N TYR A 22 4.31 -5.08 1.33
CA TYR A 22 4.59 -5.59 -0.01
C TYR A 22 3.37 -6.31 -0.57
N CYS A 23 3.30 -6.38 -1.90
CA CYS A 23 2.09 -6.83 -2.58
C CYS A 23 2.48 -7.37 -3.96
N ARG A 24 1.48 -7.75 -4.75
CA ARG A 24 1.71 -8.45 -6.00
C ARG A 24 2.18 -7.48 -7.08
N ASN A 25 2.77 -8.06 -8.13
CA ASN A 25 3.21 -7.33 -9.30
C ASN A 25 3.68 -5.92 -8.95
N GLY A 26 4.61 -5.82 -8.02
CA GLY A 26 5.25 -4.54 -7.72
C GLY A 26 4.45 -3.76 -6.68
N LYS A 27 3.15 -4.02 -6.61
CA LYS A 27 2.28 -3.19 -5.79
C LYS A 27 2.55 -3.44 -4.31
N LYS A 28 2.66 -2.36 -3.55
CA LYS A 28 3.02 -2.43 -2.14
C LYS A 28 1.84 -1.94 -1.31
N CYS A 29 1.91 -2.13 0.00
CA CYS A 29 0.87 -1.60 0.87
C CYS A 29 1.29 -0.21 1.31
N CYS A 30 0.63 0.81 0.81
CA CYS A 30 0.91 2.14 1.34
C CYS A 30 0.09 2.38 2.60
N VAL A 31 0.78 2.59 3.72
CA VAL A 31 0.10 2.88 4.97
C VAL A 31 -0.12 4.37 5.05
N ASN A 32 -1.39 4.74 5.14
CA ASN A 32 -1.79 6.13 5.10
C ASN A 32 -1.23 6.87 6.31
N LYS A 1 -1.11 -9.62 0.64
CA LYS A 1 -2.41 -10.01 1.27
C LYS A 1 -3.24 -8.76 1.52
N LYS A 2 -3.39 -8.40 2.79
CA LYS A 2 -4.11 -7.19 3.18
C LYS A 2 -3.14 -6.15 3.72
N CYS A 3 -3.47 -4.87 3.52
CA CYS A 3 -2.64 -3.79 4.04
C CYS A 3 -3.05 -3.40 5.45
N TRP A 4 -2.39 -2.34 5.91
CA TRP A 4 -2.44 -1.93 7.31
C TRP A 4 -2.80 -0.44 7.37
N ASN A 5 -3.21 0.02 8.53
CA ASN A 5 -3.63 1.41 8.68
C ASN A 5 -4.75 1.75 7.69
N GLY A 6 -5.63 0.78 7.43
CA GLY A 6 -6.68 0.99 6.46
C GLY A 6 -6.09 1.33 5.09
N GLY A 7 -4.81 1.06 4.94
CA GLY A 7 -4.12 1.33 3.68
C GLY A 7 -4.65 0.43 2.58
N ARG A 8 -4.03 0.51 1.40
CA ARG A 8 -4.39 -0.35 0.28
C ARG A 8 -3.14 -0.80 -0.47
N CYS A 9 -3.30 -1.68 -1.45
CA CYS A 9 -2.17 -2.14 -2.26
C CYS A 9 -2.27 -1.50 -3.64
N ARG A 10 -1.20 -0.83 -4.04
CA ARG A 10 -1.06 -0.32 -5.41
C ARG A 10 0.40 -0.01 -5.69
N LYS A 11 0.74 0.06 -6.99
CA LYS A 11 2.08 0.45 -7.40
C LYS A 11 2.40 1.85 -6.90
N LYS A 12 1.35 2.53 -6.44
CA LYS A 12 1.46 3.86 -5.87
C LYS A 12 0.68 3.93 -4.57
N CYS A 13 0.80 5.04 -3.84
CA CYS A 13 0.11 5.19 -2.57
C CYS A 13 -1.05 6.15 -2.68
N LYS A 14 -2.22 5.65 -2.28
CA LYS A 14 -3.45 6.43 -2.32
C LYS A 14 -3.19 7.85 -1.83
N GLU A 15 -4.15 8.74 -2.09
CA GLU A 15 -4.02 10.13 -1.68
C GLU A 15 -3.39 10.25 -0.29
N ASN A 16 -2.22 10.87 -0.24
CA ASN A 16 -1.56 11.15 1.03
C ASN A 16 -1.28 9.86 1.80
N GLU A 17 -0.64 8.90 1.13
CA GLU A 17 -0.35 7.61 1.76
C GLU A 17 1.12 7.25 1.64
N LYS A 18 1.70 6.83 2.77
CA LYS A 18 3.13 6.51 2.82
C LYS A 18 3.34 5.09 2.26
N PRO A 19 4.21 4.89 1.31
CA PRO A 19 4.50 3.51 0.82
C PRO A 19 5.07 2.66 1.94
N ILE A 20 4.44 1.50 2.19
CA ILE A 20 5.04 0.48 3.05
C ILE A 20 4.82 -0.92 2.49
N GLY A 21 5.24 -1.89 3.30
CA GLY A 21 4.83 -3.28 3.12
C GLY A 21 4.93 -3.69 1.66
N TYR A 22 4.68 -4.97 1.40
CA TYR A 22 4.86 -5.52 0.05
C TYR A 22 3.57 -6.21 -0.40
N CYS A 23 3.39 -6.28 -1.71
CA CYS A 23 2.14 -6.77 -2.30
C CYS A 23 2.46 -7.37 -3.68
N ARG A 24 1.41 -7.78 -4.39
CA ARG A 24 1.57 -8.55 -5.61
C ARG A 24 2.00 -7.65 -6.77
N ASN A 25 2.51 -8.30 -7.80
CA ASN A 25 2.89 -7.63 -9.04
C ASN A 25 3.40 -6.22 -8.80
N GLY A 26 4.40 -6.09 -7.94
CA GLY A 26 5.07 -4.81 -7.73
C GLY A 26 4.38 -4.00 -6.65
N LYS A 27 3.07 -4.20 -6.50
CA LYS A 27 2.27 -3.31 -5.67
C LYS A 27 2.61 -3.53 -4.20
N LYS A 28 2.69 -2.44 -3.45
CA LYS A 28 3.09 -2.49 -2.05
C LYS A 28 1.90 -2.09 -1.18
N CYS A 29 2.02 -2.29 0.13
CA CYS A 29 1.00 -1.75 1.03
C CYS A 29 1.44 -0.37 1.48
N CYS A 30 0.73 0.61 0.93
CA CYS A 30 0.88 1.97 1.43
C CYS A 30 -0.01 2.16 2.65
N VAL A 31 0.63 2.44 3.78
CA VAL A 31 -0.08 2.73 5.01
C VAL A 31 -0.40 4.22 5.04
N ASN A 32 -1.69 4.50 5.10
CA ASN A 32 -2.16 5.87 5.03
C ASN A 32 -1.50 6.69 6.15
N LYS A 1 -2.72 -8.90 -0.60
CA LYS A 1 -4.19 -8.62 -0.65
C LYS A 1 -4.63 -8.01 0.68
N LYS A 2 -3.65 -7.60 1.49
CA LYS A 2 -3.93 -7.03 2.81
C LYS A 2 -2.93 -5.93 3.14
N CYS A 3 -3.35 -4.97 3.95
CA CYS A 3 -2.46 -3.90 4.38
C CYS A 3 -2.75 -3.52 5.82
N TRP A 4 -2.07 -2.47 6.27
CA TRP A 4 -1.99 -2.12 7.69
C TRP A 4 -2.57 -0.74 7.91
N ASN A 5 -2.95 -0.44 9.14
CA ASN A 5 -3.48 0.88 9.48
C ASN A 5 -4.50 1.31 8.44
N GLY A 6 -5.22 0.35 7.89
CA GLY A 6 -6.29 0.64 6.95
C GLY A 6 -5.74 1.14 5.61
N GLY A 7 -4.53 0.70 5.27
CA GLY A 7 -3.90 1.10 4.02
C GLY A 7 -4.42 0.25 2.86
N ARG A 8 -3.73 0.32 1.72
CA ARG A 8 -4.09 -0.50 0.56
C ARG A 8 -2.84 -0.93 -0.19
N CYS A 9 -2.97 -1.84 -1.16
CA CYS A 9 -1.85 -2.23 -2.01
C CYS A 9 -2.05 -1.62 -3.40
N ARG A 10 -1.03 -0.88 -3.84
CA ARG A 10 -0.94 -0.45 -5.23
C ARG A 10 0.50 -0.13 -5.59
N LYS A 11 0.76 -0.01 -6.89
CA LYS A 11 2.08 0.38 -7.36
C LYS A 11 2.39 1.79 -6.84
N LYS A 12 1.36 2.41 -6.28
CA LYS A 12 1.46 3.76 -5.74
C LYS A 12 0.61 3.85 -4.48
N CYS A 13 0.71 4.99 -3.79
CA CYS A 13 0.01 5.18 -2.53
C CYS A 13 -1.17 6.13 -2.71
N LYS A 14 -2.34 5.64 -2.32
CA LYS A 14 -3.57 6.40 -2.48
C LYS A 14 -3.34 7.85 -2.04
N GLU A 15 -4.29 8.72 -2.37
CA GLU A 15 -4.16 10.14 -2.05
C GLU A 15 -3.51 10.33 -0.68
N ASN A 16 -2.31 10.90 -0.70
CA ASN A 16 -1.62 11.26 0.53
C ASN A 16 -1.38 10.04 1.40
N GLU A 17 -0.84 8.98 0.80
CA GLU A 17 -0.57 7.74 1.54
C GLU A 17 0.91 7.38 1.50
N LYS A 18 1.44 6.93 2.64
CA LYS A 18 2.85 6.58 2.75
C LYS A 18 3.09 5.20 2.16
N PRO A 19 4.06 4.99 1.31
CA PRO A 19 4.43 3.62 0.87
C PRO A 19 4.93 2.75 2.02
N ILE A 20 4.35 1.56 2.16
CA ILE A 20 4.93 0.53 3.02
C ILE A 20 4.71 -0.87 2.46
N GLY A 21 5.18 -1.83 3.26
CA GLY A 21 4.84 -3.24 3.06
C GLY A 21 4.93 -3.65 1.60
N TYR A 22 4.70 -4.92 1.33
CA TYR A 22 4.89 -5.50 0.00
C TYR A 22 3.61 -6.21 -0.44
N CYS A 23 3.37 -6.23 -1.76
CA CYS A 23 2.17 -6.84 -2.32
C CYS A 23 2.50 -7.37 -3.71
N ARG A 24 1.48 -7.88 -4.40
CA ARG A 24 1.67 -8.69 -5.60
C ARG A 24 2.04 -7.82 -6.78
N ASN A 25 2.59 -8.45 -7.83
CA ASN A 25 2.94 -7.76 -9.06
C ASN A 25 3.53 -6.38 -8.77
N GLY A 26 4.57 -6.38 -7.94
CA GLY A 26 5.32 -5.16 -7.68
C GLY A 26 4.44 -4.09 -7.02
N LYS A 27 3.53 -4.53 -6.15
CA LYS A 27 2.65 -3.62 -5.42
C LYS A 27 3.11 -3.56 -3.97
N LYS A 28 2.79 -2.49 -3.26
CA LYS A 28 3.18 -2.34 -1.87
C LYS A 28 1.98 -1.94 -1.03
N CYS A 29 2.07 -2.13 0.29
CA CYS A 29 1.01 -1.62 1.14
C CYS A 29 1.40 -0.21 1.55
N CYS A 30 0.68 0.73 0.96
CA CYS A 30 0.81 2.11 1.42
C CYS A 30 -0.10 2.32 2.61
N VAL A 31 0.51 2.60 3.75
CA VAL A 31 -0.25 2.92 4.95
C VAL A 31 -0.52 4.41 4.97
N ASN A 32 -1.81 4.73 4.99
CA ASN A 32 -2.25 6.11 4.91
C ASN A 32 -1.46 6.97 5.89
N LYS A 1 -0.70 -11.40 3.31
CA LYS A 1 -0.14 -10.13 3.85
C LYS A 1 -1.08 -8.98 3.47
N LYS A 2 -2.12 -8.79 4.28
CA LYS A 2 -3.08 -7.72 4.04
C LYS A 2 -2.49 -6.40 4.50
N CYS A 3 -2.90 -5.30 3.86
CA CYS A 3 -2.41 -3.99 4.26
C CYS A 3 -2.95 -3.62 5.65
N TRP A 4 -2.66 -2.38 6.04
CA TRP A 4 -2.86 -1.95 7.41
C TRP A 4 -3.49 -0.55 7.41
N ASN A 5 -3.91 -0.08 8.57
CA ASN A 5 -4.48 1.26 8.69
C ASN A 5 -5.47 1.54 7.56
N GLY A 6 -6.20 0.50 7.15
CA GLY A 6 -7.18 0.66 6.10
C GLY A 6 -6.52 1.13 4.80
N GLY A 7 -5.20 1.14 4.81
CA GLY A 7 -4.44 1.47 3.60
C GLY A 7 -4.89 0.60 2.43
N ARG A 8 -4.16 0.66 1.32
CA ARG A 8 -4.46 -0.18 0.16
C ARG A 8 -3.18 -0.65 -0.53
N CYS A 9 -3.35 -1.51 -1.53
CA CYS A 9 -2.23 -1.96 -2.35
C CYS A 9 -2.33 -1.31 -3.73
N ARG A 10 -1.25 -0.65 -4.15
CA ARG A 10 -1.16 -0.11 -5.50
C ARG A 10 0.31 0.14 -5.86
N LYS A 11 0.58 0.28 -7.16
CA LYS A 11 1.92 0.64 -7.63
C LYS A 11 2.30 2.02 -7.07
N LYS A 12 1.31 2.71 -6.51
CA LYS A 12 1.51 4.00 -5.87
C LYS A 12 0.74 4.04 -4.56
N CYS A 13 0.93 5.11 -3.80
CA CYS A 13 0.24 5.28 -2.52
C CYS A 13 -0.83 6.34 -2.63
N LYS A 14 -2.06 5.95 -2.28
CA LYS A 14 -3.20 6.83 -2.40
C LYS A 14 -2.86 8.22 -1.90
N GLU A 15 -3.72 9.18 -2.19
CA GLU A 15 -3.46 10.57 -1.81
C GLU A 15 -2.80 10.64 -0.43
N ASN A 16 -1.56 11.10 -0.42
CA ASN A 16 -0.85 11.36 0.84
C ASN A 16 -0.68 10.08 1.64
N GLU A 17 -0.27 8.99 0.98
CA GLU A 17 -0.11 7.71 1.65
C GLU A 17 1.33 7.22 1.56
N LYS A 18 1.81 6.65 2.66
CA LYS A 18 3.19 6.19 2.77
C LYS A 18 3.32 4.78 2.22
N PRO A 19 4.27 4.50 1.36
CA PRO A 19 4.49 3.09 0.91
C PRO A 19 4.80 2.17 2.09
N ILE A 20 4.08 1.07 2.18
CA ILE A 20 4.39 0.04 3.19
C ILE A 20 4.15 -1.36 2.65
N GLY A 21 4.36 -2.36 3.52
CA GLY A 21 4.14 -3.76 3.18
C GLY A 21 4.42 -4.07 1.71
N TYR A 22 4.02 -5.26 1.27
CA TYR A 22 4.35 -5.71 -0.09
C TYR A 22 3.15 -6.41 -0.71
N CYS A 23 3.05 -6.32 -2.02
CA CYS A 23 1.89 -6.81 -2.76
C CYS A 23 2.36 -7.30 -4.14
N ARG A 24 1.39 -7.68 -4.98
CA ARG A 24 1.68 -8.36 -6.24
C ARG A 24 2.16 -7.36 -7.29
N ASN A 25 2.80 -7.92 -8.32
CA ASN A 25 3.24 -7.17 -9.49
C ASN A 25 3.62 -5.73 -9.14
N GLY A 26 4.54 -5.59 -8.18
CA GLY A 26 5.11 -4.28 -7.87
C GLY A 26 4.31 -3.58 -6.78
N LYS A 27 3.01 -3.86 -6.71
CA LYS A 27 2.14 -3.09 -5.84
C LYS A 27 2.44 -3.44 -4.38
N LYS A 28 2.52 -2.41 -3.55
CA LYS A 28 2.87 -2.56 -2.14
C LYS A 28 1.70 -2.07 -1.30
N CYS A 29 1.74 -2.29 0.00
CA CYS A 29 0.67 -1.79 0.86
C CYS A 29 1.08 -0.40 1.32
N CYS A 30 0.44 0.63 0.79
CA CYS A 30 0.73 1.95 1.33
C CYS A 30 -0.15 2.21 2.53
N VAL A 31 0.50 2.42 3.68
CA VAL A 31 -0.22 2.75 4.90
C VAL A 31 -0.40 4.26 4.94
N ASN A 32 -1.66 4.66 4.96
CA ASN A 32 -2.00 6.07 4.88
C ASN A 32 -1.21 6.86 5.92
N LYS A 1 -7.71 -8.66 1.62
CA LYS A 1 -6.69 -7.61 1.37
C LYS A 1 -5.56 -7.78 2.38
N LYS A 2 -4.35 -7.36 1.98
CA LYS A 2 -3.18 -7.47 2.85
C LYS A 2 -2.50 -6.13 2.96
N CYS A 3 -2.64 -5.48 4.11
CA CYS A 3 -1.94 -4.24 4.44
C CYS A 3 -2.23 -3.85 5.88
N TRP A 4 -1.76 -2.66 6.25
CA TRP A 4 -1.80 -2.19 7.64
C TRP A 4 -2.61 -0.90 7.70
N ASN A 5 -2.94 -0.46 8.91
CA ASN A 5 -3.63 0.81 9.10
C ASN A 5 -4.69 1.03 8.03
N GLY A 6 -5.30 -0.07 7.58
CA GLY A 6 -6.36 0.01 6.59
C GLY A 6 -5.85 0.50 5.25
N GLY A 7 -4.54 0.71 5.16
CA GLY A 7 -3.94 1.10 3.88
C GLY A 7 -4.32 0.10 2.80
N ARG A 8 -3.77 0.27 1.59
CA ARG A 8 -4.07 -0.63 0.48
C ARG A 8 -2.81 -1.05 -0.25
N CYS A 9 -2.96 -1.88 -1.28
CA CYS A 9 -1.86 -2.25 -2.15
C CYS A 9 -2.02 -1.60 -3.53
N ARG A 10 -0.99 -0.89 -3.97
CA ARG A 10 -0.93 -0.38 -5.33
C ARG A 10 0.51 -0.02 -5.70
N LYS A 11 0.80 0.08 -6.99
CA LYS A 11 2.11 0.55 -7.42
C LYS A 11 2.35 1.97 -6.90
N LYS A 12 1.27 2.61 -6.47
CA LYS A 12 1.32 3.95 -5.90
C LYS A 12 0.55 3.97 -4.58
N CYS A 13 0.63 5.08 -3.86
CA CYS A 13 -0.07 5.21 -2.58
C CYS A 13 -1.28 6.13 -2.70
N LYS A 14 -2.43 5.59 -2.30
CA LYS A 14 -3.69 6.32 -2.37
C LYS A 14 -3.50 7.76 -1.92
N GLU A 15 -4.52 8.58 -2.15
CA GLU A 15 -4.46 9.99 -1.75
C GLU A 15 -3.69 10.17 -0.45
N ASN A 16 -2.52 10.80 -0.56
CA ASN A 16 -1.74 11.17 0.62
C ASN A 16 -1.43 9.95 1.47
N GLU A 17 -0.86 8.92 0.84
CA GLU A 17 -0.55 7.68 1.54
C GLU A 17 0.93 7.34 1.38
N LYS A 18 1.54 6.85 2.45
CA LYS A 18 2.97 6.55 2.46
C LYS A 18 3.19 5.12 1.93
N PRO A 19 4.13 4.91 1.05
CA PRO A 19 4.50 3.52 0.65
C PRO A 19 4.95 2.68 1.83
N ILE A 20 4.35 1.49 1.98
CA ILE A 20 4.83 0.55 3.00
C ILE A 20 4.68 -0.90 2.55
N GLY A 21 5.03 -1.81 3.45
CA GLY A 21 4.91 -3.25 3.23
C GLY A 21 5.12 -3.62 1.76
N TYR A 22 4.78 -4.86 1.42
CA TYR A 22 5.03 -5.39 0.09
C TYR A 22 3.80 -6.14 -0.43
N CYS A 23 3.69 -6.26 -1.75
CA CYS A 23 2.49 -6.80 -2.37
C CYS A 23 2.87 -7.34 -3.75
N ARG A 24 1.87 -7.79 -4.51
CA ARG A 24 2.12 -8.55 -5.73
C ARG A 24 2.54 -7.61 -6.86
N ASN A 25 3.16 -8.22 -7.87
CA ASN A 25 3.54 -7.52 -9.09
C ASN A 25 3.90 -6.06 -8.83
N GLY A 26 4.84 -5.86 -7.91
CA GLY A 26 5.43 -4.54 -7.70
C GLY A 26 4.66 -3.76 -6.64
N LYS A 27 3.37 -4.07 -6.50
CA LYS A 27 2.51 -3.24 -5.68
C LYS A 27 2.83 -3.46 -4.20
N LYS A 28 2.90 -2.37 -3.45
CA LYS A 28 3.32 -2.40 -2.05
C LYS A 28 2.14 -1.98 -1.19
N CYS A 29 2.26 -2.14 0.13
CA CYS A 29 1.19 -1.70 1.00
C CYS A 29 1.48 -0.25 1.39
N CYS A 30 0.71 0.68 0.85
CA CYS A 30 0.88 2.04 1.32
C CYS A 30 0.07 2.25 2.58
N VAL A 31 0.78 2.56 3.67
CA VAL A 31 0.12 2.87 4.93
C VAL A 31 -0.17 4.37 4.93
N ASN A 32 -1.45 4.67 5.04
CA ASN A 32 -1.92 6.05 4.91
C ASN A 32 -0.99 7.02 5.61
N LYS A 1 0.01 -10.58 4.91
CA LYS A 1 -0.53 -10.84 3.54
C LYS A 1 -1.65 -9.85 3.27
N LYS A 2 -1.75 -8.84 4.14
CA LYS A 2 -2.81 -7.84 4.04
C LYS A 2 -2.28 -6.48 4.46
N CYS A 3 -2.87 -5.40 3.95
CA CYS A 3 -2.43 -4.07 4.31
C CYS A 3 -2.96 -3.69 5.69
N TRP A 4 -2.71 -2.43 6.05
CA TRP A 4 -2.89 -1.95 7.41
C TRP A 4 -3.52 -0.56 7.38
N ASN A 5 -3.90 -0.05 8.54
CA ASN A 5 -4.46 1.29 8.64
C ASN A 5 -5.42 1.58 7.49
N GLY A 6 -6.11 0.53 7.03
CA GLY A 6 -7.10 0.70 5.97
C GLY A 6 -6.42 1.10 4.68
N GLY A 7 -5.10 1.15 4.69
CA GLY A 7 -4.35 1.44 3.47
C GLY A 7 -4.74 0.48 2.36
N ARG A 8 -4.12 0.62 1.18
CA ARG A 8 -4.43 -0.24 0.05
C ARG A 8 -3.16 -0.70 -0.66
N CYS A 9 -3.32 -1.48 -1.71
CA CYS A 9 -2.21 -1.92 -2.54
C CYS A 9 -2.22 -1.18 -3.88
N ARG A 10 -1.10 -0.56 -4.21
CA ARG A 10 -0.93 0.09 -5.52
C ARG A 10 0.55 0.30 -5.80
N LYS A 11 0.91 0.42 -7.08
CA LYS A 11 2.28 0.78 -7.44
C LYS A 11 2.64 2.14 -6.85
N LYS A 12 1.60 2.86 -6.43
CA LYS A 12 1.75 4.16 -5.79
C LYS A 12 0.90 4.20 -4.53
N CYS A 13 1.03 5.27 -3.75
CA CYS A 13 0.32 5.38 -2.49
C CYS A 13 -0.81 6.39 -2.58
N LYS A 14 -2.00 5.91 -2.24
CA LYS A 14 -3.21 6.71 -2.33
C LYS A 14 -2.97 8.13 -1.82
N GLU A 15 -3.92 9.01 -2.09
CA GLU A 15 -3.84 10.40 -1.63
C GLU A 15 -3.06 10.54 -0.32
N ASN A 16 -1.85 11.06 -0.44
CA ASN A 16 -1.03 11.36 0.73
C ASN A 16 -0.82 10.12 1.58
N GLU A 17 -0.33 9.04 0.96
CA GLU A 17 -0.14 7.78 1.67
C GLU A 17 1.31 7.31 1.56
N LYS A 18 1.80 6.66 2.62
CA LYS A 18 3.19 6.25 2.69
C LYS A 18 3.36 4.82 2.19
N PRO A 19 4.33 4.52 1.37
CA PRO A 19 4.56 3.12 0.92
C PRO A 19 4.83 2.19 2.10
N ILE A 20 4.11 1.07 2.15
CA ILE A 20 4.39 0.05 3.15
C ILE A 20 4.14 -1.36 2.62
N GLY A 21 4.31 -2.34 3.49
CA GLY A 21 4.06 -3.75 3.18
C GLY A 21 4.31 -4.07 1.70
N TYR A 22 3.85 -5.24 1.27
CA TYR A 22 4.15 -5.74 -0.07
C TYR A 22 2.88 -6.33 -0.71
N CYS A 23 2.86 -6.36 -2.04
CA CYS A 23 1.67 -6.77 -2.77
C CYS A 23 2.09 -7.25 -4.16
N ARG A 24 1.10 -7.57 -5.00
CA ARG A 24 1.36 -8.27 -6.25
C ARG A 24 1.92 -7.32 -7.30
N ASN A 25 2.53 -7.93 -8.31
CA ASN A 25 3.04 -7.20 -9.48
C ASN A 25 3.54 -5.81 -9.10
N GLY A 26 4.45 -5.76 -8.13
CA GLY A 26 5.13 -4.51 -7.80
C GLY A 26 4.34 -3.73 -6.75
N LYS A 27 3.03 -3.92 -6.70
CA LYS A 27 2.19 -3.08 -5.86
C LYS A 27 2.40 -3.43 -4.40
N LYS A 28 2.52 -2.40 -3.56
CA LYS A 28 2.86 -2.55 -2.15
C LYS A 28 1.69 -2.05 -1.32
N CYS A 29 1.72 -2.28 -0.01
CA CYS A 29 0.64 -1.76 0.82
C CYS A 29 1.07 -0.39 1.28
N CYS A 30 0.44 0.65 0.75
CA CYS A 30 0.76 1.98 1.25
C CYS A 30 -0.11 2.27 2.47
N VAL A 31 0.55 2.44 3.61
CA VAL A 31 -0.18 2.76 4.84
C VAL A 31 -0.33 4.27 4.91
N ASN A 32 -1.60 4.69 4.94
CA ASN A 32 -1.91 6.11 4.92
C ASN A 32 -1.13 6.83 6.00
N LYS A 1 -1.36 -10.62 2.69
CA LYS A 1 -2.82 -10.96 2.67
C LYS A 1 -3.63 -9.67 2.62
N LYS A 2 -3.39 -8.78 3.58
CA LYS A 2 -4.11 -7.52 3.66
C LYS A 2 -3.18 -6.42 4.15
N CYS A 3 -3.41 -5.19 3.70
CA CYS A 3 -2.59 -4.07 4.14
C CYS A 3 -2.96 -3.65 5.56
N TRP A 4 -2.35 -2.57 5.99
CA TRP A 4 -2.36 -2.17 7.40
C TRP A 4 -2.98 -0.78 7.51
N ASN A 5 -3.33 -0.38 8.74
CA ASN A 5 -3.88 0.95 8.98
C ASN A 5 -4.89 1.32 7.91
N GLY A 6 -5.60 0.31 7.42
CA GLY A 6 -6.67 0.53 6.45
C GLY A 6 -6.13 0.96 5.09
N GLY A 7 -4.81 1.04 4.98
CA GLY A 7 -4.20 1.39 3.70
C GLY A 7 -4.60 0.40 2.62
N ARG A 8 -4.07 0.56 1.41
CA ARG A 8 -4.38 -0.34 0.31
C ARG A 8 -3.09 -0.87 -0.34
N CYS A 9 -3.22 -1.71 -1.35
CA CYS A 9 -2.07 -2.13 -2.15
C CYS A 9 -2.14 -1.45 -3.51
N ARG A 10 -1.05 -0.76 -3.86
CA ARG A 10 -0.89 -0.19 -5.19
C ARG A 10 0.59 0.14 -5.43
N LYS A 11 1.02 0.00 -6.69
CA LYS A 11 2.38 0.37 -7.07
C LYS A 11 2.67 1.82 -6.69
N LYS A 12 1.63 2.50 -6.22
CA LYS A 12 1.75 3.84 -5.68
C LYS A 12 0.87 3.96 -4.44
N CYS A 13 0.98 5.10 -3.75
CA CYS A 13 0.25 5.31 -2.52
C CYS A 13 -0.89 6.30 -2.73
N LYS A 14 -2.09 5.86 -2.38
CA LYS A 14 -3.28 6.68 -2.55
C LYS A 14 -3.00 8.10 -2.08
N GLU A 15 -3.91 9.02 -2.41
CA GLU A 15 -3.76 10.42 -2.04
C GLU A 15 -3.10 10.57 -0.68
N ASN A 16 -1.87 11.07 -0.70
CA ASN A 16 -1.16 11.39 0.54
C ASN A 16 -0.99 10.15 1.41
N GLU A 17 -0.52 9.05 0.82
CA GLU A 17 -0.33 7.81 1.55
C GLU A 17 1.13 7.37 1.54
N LYS A 18 1.58 6.86 2.69
CA LYS A 18 2.98 6.47 2.86
C LYS A 18 3.22 5.09 2.25
N PRO A 19 4.19 4.89 1.39
CA PRO A 19 4.53 3.52 0.92
C PRO A 19 4.97 2.61 2.05
N ILE A 20 4.34 1.43 2.12
CA ILE A 20 4.86 0.37 2.98
C ILE A 20 4.60 -1.02 2.40
N GLY A 21 4.99 -2.00 3.21
CA GLY A 21 4.61 -3.39 2.98
C GLY A 21 4.80 -3.77 1.52
N TYR A 22 4.56 -5.04 1.20
CA TYR A 22 4.82 -5.55 -0.14
C TYR A 22 3.62 -6.35 -0.64
N CYS A 23 3.43 -6.33 -1.96
CA CYS A 23 2.23 -6.87 -2.59
C CYS A 23 2.62 -7.37 -3.98
N ARG A 24 1.63 -7.83 -4.74
CA ARG A 24 1.86 -8.45 -6.04
C ARG A 24 2.15 -7.41 -7.12
N ASN A 25 2.71 -7.88 -8.23
CA ASN A 25 2.96 -7.07 -9.41
C ASN A 25 3.32 -5.62 -9.02
N GLY A 26 4.34 -5.50 -8.19
CA GLY A 26 4.89 -4.19 -7.87
C GLY A 26 4.10 -3.52 -6.75
N LYS A 27 2.84 -3.92 -6.62
CA LYS A 27 1.95 -3.23 -5.69
C LYS A 27 2.36 -3.51 -4.25
N LYS A 28 2.45 -2.43 -3.48
CA LYS A 28 2.90 -2.49 -2.09
C LYS A 28 1.76 -2.05 -1.19
N CYS A 29 1.89 -2.25 0.12
CA CYS A 29 0.88 -1.68 1.01
C CYS A 29 1.34 -0.29 1.41
N CYS A 30 0.64 0.67 0.85
CA CYS A 30 0.80 2.06 1.27
C CYS A 30 -0.12 2.32 2.45
N VAL A 31 0.48 2.57 3.61
CA VAL A 31 -0.31 2.92 4.79
C VAL A 31 -0.54 4.42 4.81
N ASN A 32 -1.82 4.75 4.83
CA ASN A 32 -2.24 6.14 4.76
C ASN A 32 -1.61 6.93 5.90
N LYS A 1 -2.07 -9.21 0.05
CA LYS A 1 -3.32 -9.91 0.47
C LYS A 1 -4.15 -9.00 1.37
N LYS A 2 -3.48 -8.29 2.27
CA LYS A 2 -4.16 -7.38 3.18
C LYS A 2 -3.19 -6.38 3.77
N CYS A 3 -3.44 -5.09 3.53
CA CYS A 3 -2.58 -4.05 4.07
C CYS A 3 -2.95 -3.70 5.50
N TRP A 4 -2.29 -2.67 6.01
CA TRP A 4 -2.31 -2.35 7.43
C TRP A 4 -2.85 -0.94 7.61
N ASN A 5 -3.09 -0.54 8.85
CA ASN A 5 -3.59 0.80 9.15
C ASN A 5 -4.64 1.24 8.13
N GLY A 6 -5.40 0.27 7.64
CA GLY A 6 -6.50 0.56 6.72
C GLY A 6 -5.99 1.00 5.35
N GLY A 7 -4.68 1.00 5.17
CA GLY A 7 -4.10 1.37 3.88
C GLY A 7 -4.62 0.48 2.77
N ARG A 8 -4.01 0.59 1.59
CA ARG A 8 -4.34 -0.28 0.46
C ARG A 8 -3.06 -0.77 -0.22
N CYS A 9 -3.20 -1.66 -1.20
CA CYS A 9 -2.07 -2.12 -2.00
C CYS A 9 -2.18 -1.49 -3.39
N ARG A 10 -1.10 -0.82 -3.81
CA ARG A 10 -1.02 -0.29 -5.16
C ARG A 10 0.43 0.01 -5.51
N LYS A 11 0.72 0.12 -6.81
CA LYS A 11 2.05 0.51 -7.25
C LYS A 11 2.35 1.93 -6.76
N LYS A 12 1.31 2.61 -6.32
CA LYS A 12 1.44 3.94 -5.73
C LYS A 12 0.58 4.03 -4.48
N CYS A 13 0.71 5.15 -3.77
CA CYS A 13 0.05 5.32 -2.48
C CYS A 13 -1.11 6.29 -2.62
N LYS A 14 -2.29 5.82 -2.19
CA LYS A 14 -3.51 6.60 -2.33
C LYS A 14 -3.24 8.05 -1.91
N GLU A 15 -4.18 8.92 -2.25
CA GLU A 15 -4.04 10.34 -1.96
C GLU A 15 -3.38 10.55 -0.59
N ASN A 16 -2.15 11.07 -0.63
CA ASN A 16 -1.44 11.42 0.60
C ASN A 16 -1.19 10.19 1.46
N GLU A 17 -0.68 9.12 0.84
CA GLU A 17 -0.38 7.89 1.56
C GLU A 17 1.09 7.52 1.43
N LYS A 18 1.63 6.89 2.47
CA LYS A 18 3.06 6.59 2.54
C LYS A 18 3.31 5.16 2.06
N PRO A 19 4.23 4.92 1.16
CA PRO A 19 4.55 3.52 0.74
C PRO A 19 5.01 2.67 1.92
N ILE A 20 4.37 1.51 2.11
CA ILE A 20 4.90 0.50 3.02
C ILE A 20 4.67 -0.92 2.53
N GLY A 21 5.04 -1.85 3.40
CA GLY A 21 4.79 -3.27 3.19
C GLY A 21 4.94 -3.68 1.73
N TYR A 22 4.70 -4.96 1.46
CA TYR A 22 4.94 -5.52 0.13
C TYR A 22 3.73 -6.33 -0.32
N CYS A 23 3.51 -6.33 -1.64
CA CYS A 23 2.32 -6.91 -2.24
C CYS A 23 2.71 -7.56 -3.57
N ARG A 24 1.70 -8.05 -4.28
CA ARG A 24 1.92 -8.78 -5.54
C ARG A 24 2.24 -7.82 -6.69
N ASN A 25 2.80 -8.41 -7.75
CA ASN A 25 3.09 -7.70 -8.99
C ASN A 25 3.46 -6.25 -8.74
N GLY A 26 4.46 -6.03 -7.90
CA GLY A 26 5.02 -4.70 -7.72
C GLY A 26 4.27 -3.94 -6.63
N LYS A 27 2.98 -4.22 -6.47
CA LYS A 27 2.15 -3.40 -5.59
C LYS A 27 2.55 -3.63 -4.15
N LYS A 28 2.64 -2.53 -3.41
CA LYS A 28 3.09 -2.53 -2.02
C LYS A 28 1.94 -2.07 -1.14
N CYS A 29 2.08 -2.20 0.17
CA CYS A 29 1.04 -1.61 1.03
C CYS A 29 1.47 -0.20 1.38
N CYS A 30 0.76 0.74 0.77
CA CYS A 30 0.87 2.11 1.25
C CYS A 30 -0.05 2.32 2.43
N VAL A 31 0.55 2.52 3.60
CA VAL A 31 -0.24 2.88 4.78
C VAL A 31 -0.38 4.39 4.84
N ASN A 32 -1.64 4.81 4.88
CA ASN A 32 -1.99 6.22 4.85
C ASN A 32 -1.16 6.99 5.86
N LYS A 1 -0.68 -10.37 3.50
CA LYS A 1 -1.59 -10.48 2.33
C LYS A 1 -2.33 -9.16 2.14
N LYS A 2 -2.96 -8.69 3.21
CA LYS A 2 -3.70 -7.43 3.17
C LYS A 2 -2.87 -6.31 3.78
N CYS A 3 -3.25 -5.08 3.49
CA CYS A 3 -2.53 -3.92 4.02
C CYS A 3 -3.03 -3.56 5.42
N TRP A 4 -2.50 -2.44 5.91
CA TRP A 4 -2.55 -2.12 7.33
C TRP A 4 -3.03 -0.68 7.51
N ASN A 5 -3.53 -0.36 8.69
CA ASN A 5 -3.96 1.00 8.98
C ASN A 5 -4.98 1.47 7.94
N GLY A 6 -5.77 0.51 7.45
CA GLY A 6 -6.82 0.84 6.48
C GLY A 6 -6.21 1.33 5.17
N GLY A 7 -4.94 1.00 4.94
CA GLY A 7 -4.27 1.38 3.71
C GLY A 7 -4.73 0.49 2.56
N ARG A 8 -4.08 0.60 1.41
CA ARG A 8 -4.38 -0.25 0.27
C ARG A 8 -3.11 -0.72 -0.42
N CYS A 9 -3.26 -1.55 -1.45
CA CYS A 9 -2.13 -2.01 -2.26
C CYS A 9 -2.17 -1.30 -3.61
N ARG A 10 -1.05 -0.65 -3.96
CA ARG A 10 -0.88 -0.05 -5.27
C ARG A 10 0.61 0.18 -5.53
N LYS A 11 1.00 0.21 -6.80
CA LYS A 11 2.37 0.59 -7.16
C LYS A 11 2.66 2.00 -6.64
N LYS A 12 1.60 2.69 -6.26
CA LYS A 12 1.72 4.02 -5.66
C LYS A 12 0.81 4.09 -4.43
N CYS A 13 0.92 5.19 -3.69
CA CYS A 13 0.20 5.34 -2.45
C CYS A 13 -0.94 6.34 -2.61
N LYS A 14 -2.14 5.87 -2.27
CA LYS A 14 -3.35 6.68 -2.43
C LYS A 14 -3.10 8.10 -1.96
N GLU A 15 -4.02 9.00 -2.29
CA GLU A 15 -3.87 10.40 -1.91
C GLU A 15 -3.18 10.56 -0.56
N ASN A 16 -1.94 11.03 -0.61
CA ASN A 16 -1.21 11.37 0.61
C ASN A 16 -1.01 10.15 1.49
N GLU A 17 -0.54 9.04 0.90
CA GLU A 17 -0.36 7.79 1.64
C GLU A 17 1.10 7.35 1.60
N LYS A 18 1.56 6.76 2.69
CA LYS A 18 2.96 6.36 2.83
C LYS A 18 3.15 4.96 2.24
N PRO A 19 4.09 4.74 1.37
CA PRO A 19 4.43 3.36 0.91
C PRO A 19 4.87 2.46 2.06
N ILE A 20 4.25 1.29 2.16
CA ILE A 20 4.78 0.24 3.02
C ILE A 20 4.57 -1.16 2.44
N GLY A 21 4.96 -2.13 3.26
CA GLY A 21 4.64 -3.53 3.02
C GLY A 21 4.76 -3.88 1.54
N TYR A 22 4.47 -5.14 1.22
CA TYR A 22 4.66 -5.63 -0.14
C TYR A 22 3.38 -6.31 -0.63
N CYS A 23 3.26 -6.43 -1.95
CA CYS A 23 2.02 -6.87 -2.58
C CYS A 23 2.32 -7.44 -3.95
N ARG A 24 1.25 -7.79 -4.68
CA ARG A 24 1.39 -8.48 -5.96
C ARG A 24 1.81 -7.50 -7.05
N ASN A 25 2.31 -8.07 -8.15
CA ASN A 25 2.72 -7.29 -9.31
C ASN A 25 3.32 -5.94 -8.90
N GLY A 26 4.32 -6.02 -8.03
CA GLY A 26 5.08 -4.82 -7.68
C GLY A 26 4.36 -3.98 -6.63
N LYS A 27 3.05 -4.14 -6.54
CA LYS A 27 2.26 -3.22 -5.72
C LYS A 27 2.54 -3.48 -4.24
N LYS A 28 2.64 -2.37 -3.50
CA LYS A 28 3.06 -2.41 -2.11
C LYS A 28 1.85 -2.06 -1.24
N CYS A 29 1.98 -2.25 0.07
CA CYS A 29 0.94 -1.72 0.95
C CYS A 29 1.36 -0.32 1.38
N CYS A 30 0.64 0.63 0.82
CA CYS A 30 0.75 2.00 1.30
C CYS A 30 -0.18 2.19 2.47
N VAL A 31 0.41 2.41 3.64
CA VAL A 31 -0.35 2.77 4.82
C VAL A 31 -0.54 4.28 4.84
N ASN A 32 -1.81 4.66 4.84
CA ASN A 32 -2.18 6.07 4.79
C ASN A 32 -1.45 6.84 5.87
N LYS A 1 -1.25 -9.98 0.46
CA LYS A 1 -1.91 -10.41 1.72
C LYS A 1 -2.94 -9.37 2.13
N LYS A 2 -2.55 -8.48 3.02
CA LYS A 2 -3.43 -7.42 3.48
C LYS A 2 -2.62 -6.23 3.99
N CYS A 3 -3.14 -5.03 3.81
CA CYS A 3 -2.46 -3.83 4.28
C CYS A 3 -2.92 -3.44 5.68
N TRP A 4 -2.42 -2.28 6.10
CA TRP A 4 -2.48 -1.87 7.50
C TRP A 4 -3.13 -0.49 7.56
N ASN A 5 -3.50 -0.05 8.76
CA ASN A 5 -4.06 1.29 8.95
C ASN A 5 -5.07 1.60 7.85
N GLY A 6 -5.78 0.58 7.39
CA GLY A 6 -6.81 0.76 6.38
C GLY A 6 -6.19 1.15 5.03
N GLY A 7 -4.86 1.19 5.00
CA GLY A 7 -4.17 1.47 3.74
C GLY A 7 -4.62 0.50 2.66
N ARG A 8 -4.00 0.60 1.48
CA ARG A 8 -4.34 -0.28 0.36
C ARG A 8 -3.09 -0.81 -0.32
N CYS A 9 -3.26 -1.68 -1.32
CA CYS A 9 -2.14 -2.13 -2.14
C CYS A 9 -2.24 -1.48 -3.52
N ARG A 10 -1.16 -0.83 -3.93
CA ARG A 10 -1.04 -0.25 -5.27
C ARG A 10 0.42 0.03 -5.58
N LYS A 11 0.77 0.12 -6.86
CA LYS A 11 2.12 0.49 -7.26
C LYS A 11 2.46 1.87 -6.70
N LYS A 12 1.41 2.64 -6.41
CA LYS A 12 1.54 3.96 -5.84
C LYS A 12 0.70 4.04 -4.57
N CYS A 13 0.82 5.15 -3.84
CA CYS A 13 0.16 5.29 -2.55
C CYS A 13 -1.02 6.25 -2.64
N LYS A 14 -2.18 5.74 -2.23
CA LYS A 14 -3.42 6.49 -2.30
C LYS A 14 -3.20 7.94 -1.83
N GLU A 15 -4.19 8.78 -2.10
CA GLU A 15 -4.10 10.20 -1.74
C GLU A 15 -3.33 10.41 -0.44
N ASN A 16 -2.12 10.95 -0.58
CA ASN A 16 -1.31 11.30 0.58
C ASN A 16 -1.05 10.08 1.46
N GLU A 17 -0.52 9.02 0.84
CA GLU A 17 -0.25 7.78 1.58
C GLU A 17 1.20 7.35 1.42
N LYS A 18 1.74 6.76 2.48
CA LYS A 18 3.16 6.40 2.52
C LYS A 18 3.33 4.94 2.05
N PRO A 19 4.30 4.64 1.22
CA PRO A 19 4.56 3.24 0.81
C PRO A 19 4.87 2.36 2.02
N ILE A 20 4.20 1.21 2.11
CA ILE A 20 4.56 0.22 3.11
C ILE A 20 4.32 -1.21 2.63
N GLY A 21 4.56 -2.17 3.52
CA GLY A 21 4.32 -3.58 3.24
C GLY A 21 4.57 -3.94 1.78
N TYR A 22 4.19 -5.15 1.40
CA TYR A 22 4.49 -5.69 0.08
C TYR A 22 3.28 -6.41 -0.50
N CYS A 23 3.19 -6.42 -1.82
CA CYS A 23 2.02 -6.93 -2.53
C CYS A 23 2.46 -7.44 -3.90
N ARG A 24 1.49 -7.86 -4.72
CA ARG A 24 1.78 -8.52 -5.99
C ARG A 24 2.22 -7.53 -7.06
N ASN A 25 2.83 -8.07 -8.11
CA ASN A 25 3.24 -7.31 -9.28
C ASN A 25 3.62 -5.87 -8.92
N GLY A 26 4.54 -5.74 -7.99
CA GLY A 26 5.12 -4.44 -7.66
C GLY A 26 4.28 -3.72 -6.61
N LYS A 27 2.99 -4.04 -6.54
CA LYS A 27 2.10 -3.28 -5.67
C LYS A 27 2.44 -3.59 -4.21
N LYS A 28 2.52 -2.51 -3.43
CA LYS A 28 2.92 -2.59 -2.02
C LYS A 28 1.76 -2.07 -1.18
N CYS A 29 1.85 -2.25 0.14
CA CYS A 29 0.79 -1.71 1.00
C CYS A 29 1.18 -0.31 1.41
N CYS A 30 0.52 0.70 0.87
CA CYS A 30 0.83 2.04 1.33
C CYS A 30 0.00 2.35 2.58
N VAL A 31 0.70 2.58 3.68
CA VAL A 31 0.02 2.91 4.94
C VAL A 31 -0.18 4.41 4.96
N ASN A 32 -1.45 4.79 5.04
CA ASN A 32 -1.82 6.19 5.00
C ASN A 32 -0.98 6.99 5.97
#